data_2HRO
#
_entry.id   2HRO
#
_cell.length_a   173.364
_cell.length_b   46.852
_cell.length_c   85.297
_cell.angle_alpha   90.00
_cell.angle_beta   101.46
_cell.angle_gamma   90.00
#
_symmetry.space_group_name_H-M   'C 1 2 1'
#
loop_
_entity.id
_entity.type
_entity.pdbx_description
1 polymer 'Phosphoenolpyruvate-protein phosphotransferase'
2 non-polymer 'SULFATE ION'
3 water water
#
_entity_poly.entity_id   1
_entity_poly.type   'polypeptide(L)'
_entity_poly.pdbx_seq_one_letter_code
;MAKQIKGIAASDGVAIAKAYLLVEPDLSFDNESVTDTDAEVAKFNGALNKSKVELTKIRNNAEKQLGADKAAIFDAHLLV
LEDPELIQPIEDKIKNESVNAAQALTDVSNQFITIFESMDNEYMAERAADIRDVSKRVLAHILGVELPNPSIVDESVVII
GNDLTPSDTAQLNKEYVQGFVTNIGGRTSHSAIMSRSLEIPAVVGTKSITEEVEAGDTIVVDGMTGDVLINPSDEVIAEY
QEKRENFFKDKQELQKLRDAESVTADGHHVELAANIGTPNDLPGVIENGAEGIGLYRTEFLYMGRDQMPTEEEQFEAYKA
VLEAMKGKRVVVRTLDIGGDKELPYLDLPEEMNPFLGYRAIRLCLDQPEIFRPQLRALLRASVFGKLNIMFPMVATIQEF
RDAKALLEEERANLKNEGYEVADDIELGIMVEIPSTAALADIFAKEVDFFSIGTNDLIQYTMAADRMSERVSYLYQPYNP
AILRLVKQVIEASHAEGKWTGMCGEMAGDQTAIPLLLGLGLDEFSMSATSILKARRLIRSLNESEMKELSERAVQCATSE
EVVDLVEEYTKNA
;
_entity_poly.pdbx_strand_id   A
#
loop_
_chem_comp.id
_chem_comp.type
_chem_comp.name
_chem_comp.formula
SO4 non-polymer 'SULFATE ION' 'O4 S -2'
#
# COMPACT_ATOMS: atom_id res chain seq x y z
N GLN A 4 8.73 -30.71 3.95
CA GLN A 4 9.25 -29.65 3.05
C GLN A 4 8.33 -29.46 1.84
N ILE A 5 7.54 -28.38 1.87
CA ILE A 5 6.60 -28.08 0.79
C ILE A 5 7.08 -26.89 -0.05
N LYS A 6 6.15 -26.21 -0.69
CA LYS A 6 6.47 -25.06 -1.52
C LYS A 6 5.58 -23.84 -1.20
N GLY A 7 5.31 -23.02 -2.22
CA GLY A 7 4.48 -21.85 -2.00
C GLY A 7 5.13 -20.90 -1.02
N ILE A 8 6.44 -20.73 -1.18
CA ILE A 8 7.22 -19.85 -0.29
C ILE A 8 6.98 -18.37 -0.60
N ALA A 9 5.73 -17.94 -0.46
CA ALA A 9 5.37 -16.54 -0.72
C ALA A 9 4.15 -16.16 0.12
N ALA A 10 3.35 -15.23 -0.40
CA ALA A 10 2.15 -14.77 0.28
C ALA A 10 2.41 -13.98 1.57
N SER A 11 3.60 -14.13 2.14
CA SER A 11 3.95 -13.43 3.36
C SER A 11 5.45 -13.41 3.63
N ASP A 12 5.83 -13.03 4.83
CA ASP A 12 7.24 -12.95 5.23
C ASP A 12 7.93 -14.31 5.34
N GLY A 13 9.02 -14.35 6.10
CA GLY A 13 9.75 -15.59 6.28
C GLY A 13 10.41 -15.71 7.63
N VAL A 14 10.94 -16.90 7.94
CA VAL A 14 11.61 -17.17 9.21
C VAL A 14 10.64 -17.03 10.40
N ALA A 15 10.11 -18.16 10.86
CA ALA A 15 9.17 -18.17 11.98
C ALA A 15 9.72 -18.85 13.24
N ILE A 16 9.99 -20.16 13.14
CA ILE A 16 10.53 -20.92 14.26
C ILE A 16 9.67 -20.79 15.52
N ALA A 17 8.61 -21.60 15.59
CA ALA A 17 7.71 -21.59 16.75
C ALA A 17 7.20 -23.01 16.99
N LYS A 18 6.13 -23.14 17.77
CA LYS A 18 5.56 -24.44 18.07
C LYS A 18 4.69 -24.98 16.95
N ALA A 19 3.38 -25.06 17.20
CA ALA A 19 2.42 -25.55 16.22
C ALA A 19 0.99 -25.21 16.62
N TYR A 20 0.04 -25.99 16.12
CA TYR A 20 -1.36 -25.77 16.44
C TYR A 20 -2.23 -26.90 15.88
N LEU A 21 -2.09 -27.17 14.58
CA LEU A 21 -2.87 -28.22 13.93
C LEU A 21 -4.36 -28.08 14.21
N LEU A 22 -5.02 -27.21 13.46
CA LEU A 22 -6.45 -26.97 13.62
C LEU A 22 -7.31 -28.12 13.09
N VAL A 23 -6.73 -29.29 12.92
CA VAL A 23 -7.46 -30.45 12.43
C VAL A 23 -8.59 -30.81 13.41
N GLU A 24 -9.82 -30.82 12.91
CA GLU A 24 -10.97 -31.15 13.76
C GLU A 24 -10.87 -32.59 14.27
N PRO A 25 -10.75 -32.77 15.60
CA PRO A 25 -10.64 -34.08 16.24
C PRO A 25 -11.75 -35.06 15.87
N ASP A 26 -11.50 -36.33 16.16
CA ASP A 26 -12.45 -37.41 15.86
C ASP A 26 -13.54 -37.48 16.93
N LEU A 27 -14.73 -36.96 16.61
CA LEU A 27 -15.85 -36.96 17.55
C LEU A 27 -16.83 -38.08 17.25
N SER A 28 -16.32 -39.26 16.94
CA SER A 28 -17.17 -40.40 16.65
C SER A 28 -17.47 -41.14 17.93
N PHE A 29 -18.69 -41.64 18.07
CA PHE A 29 -19.07 -42.36 19.27
C PHE A 29 -20.06 -43.47 18.95
N ASP A 30 -20.14 -44.44 19.86
CA ASP A 30 -21.05 -45.56 19.68
C ASP A 30 -22.30 -45.35 20.52
N ASN A 31 -23.46 -45.46 19.88
CA ASN A 31 -24.73 -45.28 20.56
C ASN A 31 -24.90 -46.40 21.58
N GLU A 32 -24.60 -46.10 22.83
CA GLU A 32 -24.71 -47.08 23.90
C GLU A 32 -26.00 -46.87 24.69
N SER A 33 -26.15 -47.62 25.78
CA SER A 33 -27.31 -47.52 26.64
C SER A 33 -26.79 -47.23 28.04
N VAL A 34 -27.53 -46.43 28.80
CA VAL A 34 -27.08 -46.07 30.14
C VAL A 34 -27.94 -46.60 31.27
N THR A 35 -27.29 -46.88 32.38
CA THR A 35 -27.93 -47.38 33.59
C THR A 35 -28.35 -46.20 34.46
N ASP A 36 -27.41 -45.30 34.71
CA ASP A 36 -27.66 -44.12 35.55
C ASP A 36 -28.02 -42.91 34.70
N THR A 37 -29.29 -42.81 34.33
CA THR A 37 -29.72 -41.69 33.51
C THR A 37 -29.49 -40.35 34.20
N ASP A 38 -29.71 -40.29 35.51
CA ASP A 38 -29.48 -39.03 36.22
C ASP A 38 -28.04 -38.57 36.04
N ALA A 39 -27.12 -39.53 36.11
CA ALA A 39 -25.70 -39.23 35.94
C ALA A 39 -25.44 -38.81 34.51
N GLU A 40 -26.12 -39.48 33.58
CA GLU A 40 -25.95 -39.18 32.16
C GLU A 40 -26.48 -37.78 31.86
N VAL A 41 -27.55 -37.38 32.54
CA VAL A 41 -28.09 -36.04 32.34
C VAL A 41 -27.15 -35.02 32.97
N ALA A 42 -26.56 -35.36 34.11
CA ALA A 42 -25.65 -34.43 34.76
C ALA A 42 -24.41 -34.32 33.87
N LYS A 43 -24.04 -35.44 33.25
CA LYS A 43 -22.89 -35.44 32.35
C LYS A 43 -23.14 -34.44 31.21
N PHE A 44 -24.31 -34.55 30.58
CA PHE A 44 -24.66 -33.65 29.51
C PHE A 44 -24.70 -32.19 29.98
N ASN A 45 -25.33 -31.96 31.13
CA ASN A 45 -25.44 -30.62 31.71
C ASN A 45 -24.07 -30.05 32.05
N GLY A 46 -23.12 -30.94 32.36
CA GLY A 46 -21.77 -30.50 32.69
C GLY A 46 -21.03 -30.03 31.45
N ALA A 47 -21.26 -30.70 30.33
CA ALA A 47 -20.60 -30.32 29.08
C ALA A 47 -21.25 -29.05 28.58
N LEU A 48 -22.55 -28.94 28.79
CA LEU A 48 -23.32 -27.78 28.39
C LEU A 48 -22.74 -26.53 29.06
N ASN A 49 -22.70 -26.53 30.39
CA ASN A 49 -22.17 -25.38 31.11
C ASN A 49 -20.68 -25.13 30.81
N LYS A 50 -19.89 -26.20 30.70
CA LYS A 50 -18.48 -26.00 30.39
C LYS A 50 -18.37 -25.26 29.07
N SER A 51 -19.23 -25.60 28.12
CA SER A 51 -19.24 -24.97 26.82
C SER A 51 -19.63 -23.50 26.93
N LYS A 52 -20.58 -23.20 27.81
CA LYS A 52 -21.02 -21.83 28.00
C LYS A 52 -19.92 -20.94 28.57
N VAL A 53 -19.21 -21.38 29.60
CA VAL A 53 -18.17 -20.54 30.16
C VAL A 53 -17.04 -20.40 29.15
N GLU A 54 -16.91 -21.40 28.30
CA GLU A 54 -15.89 -21.43 27.27
C GLU A 54 -16.21 -20.34 26.25
N LEU A 55 -17.48 -20.30 25.83
CA LEU A 55 -17.96 -19.32 24.86
C LEU A 55 -17.96 -17.91 25.43
N THR A 56 -18.47 -17.77 26.66
CA THR A 56 -18.50 -16.45 27.29
C THR A 56 -17.09 -15.91 27.45
N LYS A 57 -16.09 -16.80 27.42
CA LYS A 57 -14.70 -16.38 27.54
C LYS A 57 -14.22 -15.98 26.15
N ILE A 58 -14.65 -16.72 25.14
CA ILE A 58 -14.27 -16.44 23.76
C ILE A 58 -14.86 -15.12 23.29
N ARG A 59 -16.08 -14.83 23.72
CA ARG A 59 -16.76 -13.60 23.36
C ARG A 59 -16.01 -12.40 23.91
N ASN A 60 -16.01 -12.27 25.23
CA ASN A 60 -15.35 -11.16 25.91
C ASN A 60 -13.89 -10.98 25.49
N ASN A 61 -13.19 -12.08 25.26
CA ASN A 61 -11.79 -12.02 24.88
C ASN A 61 -11.59 -11.91 23.37
N ALA A 62 -12.63 -11.42 22.69
CA ALA A 62 -12.58 -11.22 21.25
C ALA A 62 -12.75 -9.73 21.01
N GLU A 63 -13.56 -9.10 21.86
CA GLU A 63 -13.82 -7.68 21.79
C GLU A 63 -12.62 -6.92 22.33
N LYS A 64 -12.15 -7.34 23.51
CA LYS A 64 -11.01 -6.72 24.18
C LYS A 64 -9.67 -7.01 23.51
N GLN A 65 -9.70 -7.37 22.23
CA GLN A 65 -8.49 -7.66 21.48
C GLN A 65 -8.59 -7.05 20.08
N LEU A 66 -9.30 -7.74 19.18
CA LEU A 66 -9.48 -7.25 17.82
C LEU A 66 -10.73 -7.87 17.22
N GLY A 67 -11.88 -7.51 17.77
CA GLY A 67 -13.14 -8.05 17.28
C GLY A 67 -14.22 -7.00 17.14
N ALA A 68 -14.98 -6.78 18.21
CA ALA A 68 -16.05 -5.79 18.20
C ALA A 68 -17.24 -6.27 17.36
N ASP A 69 -16.99 -6.52 16.08
CA ASP A 69 -18.03 -7.00 15.18
C ASP A 69 -17.85 -8.49 14.91
N LYS A 70 -16.70 -9.01 15.31
CA LYS A 70 -16.39 -10.43 15.15
C LYS A 70 -16.97 -11.19 16.33
N ALA A 71 -17.37 -10.45 17.35
CA ALA A 71 -17.95 -11.02 18.57
C ALA A 71 -19.47 -10.89 18.57
N ALA A 72 -20.12 -11.71 17.76
CA ALA A 72 -21.57 -11.72 17.65
C ALA A 72 -21.98 -13.12 17.25
N ILE A 73 -21.00 -13.86 16.75
CA ILE A 73 -21.20 -15.23 16.33
C ILE A 73 -21.20 -16.10 17.59
N PHE A 74 -20.40 -15.69 18.57
CA PHE A 74 -20.29 -16.42 19.82
C PHE A 74 -21.51 -16.16 20.69
N ASP A 75 -22.03 -14.94 20.64
CA ASP A 75 -23.24 -14.59 21.41
C ASP A 75 -24.40 -15.38 20.81
N ALA A 76 -24.30 -15.65 19.52
CA ALA A 76 -25.31 -16.42 18.80
C ALA A 76 -25.13 -17.87 19.21
N HIS A 77 -23.86 -18.29 19.29
CA HIS A 77 -23.51 -19.64 19.70
C HIS A 77 -24.04 -19.85 21.10
N LEU A 78 -23.90 -18.83 21.93
CA LEU A 78 -24.35 -18.86 23.32
C LEU A 78 -25.86 -18.84 23.44
N LEU A 79 -26.51 -18.10 22.55
CA LEU A 79 -27.97 -18.00 22.56
C LEU A 79 -28.59 -19.36 22.26
N VAL A 80 -27.93 -20.15 21.41
CA VAL A 80 -28.44 -21.47 21.07
C VAL A 80 -28.50 -22.34 22.31
N LEU A 81 -27.40 -22.37 23.05
CA LEU A 81 -27.30 -23.17 24.26
C LEU A 81 -28.27 -22.78 25.38
N GLU A 82 -28.90 -21.62 25.26
CA GLU A 82 -29.84 -21.18 26.28
C GLU A 82 -31.26 -21.54 25.85
N ASP A 83 -31.39 -22.05 24.63
CA ASP A 83 -32.69 -22.43 24.08
C ASP A 83 -33.27 -23.66 24.77
N PRO A 84 -34.36 -23.49 25.53
CA PRO A 84 -34.99 -24.62 26.22
C PRO A 84 -35.58 -25.69 25.30
N GLU A 85 -36.02 -25.28 24.11
CA GLU A 85 -36.60 -26.23 23.17
C GLU A 85 -35.55 -27.18 22.60
N LEU A 86 -34.29 -26.95 22.94
CA LEU A 86 -33.19 -27.77 22.48
C LEU A 86 -32.71 -28.68 23.62
N ILE A 87 -32.53 -28.06 24.78
CA ILE A 87 -32.05 -28.77 25.95
C ILE A 87 -33.04 -29.81 26.46
N GLN A 88 -34.25 -29.37 26.78
CA GLN A 88 -35.26 -30.30 27.30
C GLN A 88 -35.41 -31.56 26.48
N PRO A 89 -35.52 -31.45 25.15
CA PRO A 89 -35.66 -32.67 24.35
C PRO A 89 -34.49 -33.63 24.54
N ILE A 90 -33.29 -33.08 24.68
CA ILE A 90 -32.10 -33.90 24.88
C ILE A 90 -32.21 -34.62 26.20
N GLU A 91 -32.43 -33.87 27.28
CA GLU A 91 -32.57 -34.47 28.60
C GLU A 91 -33.67 -35.52 28.63
N ASP A 92 -34.85 -35.20 28.10
CA ASP A 92 -35.96 -36.14 28.09
C ASP A 92 -35.55 -37.41 27.37
N LYS A 93 -34.71 -37.27 26.35
CA LYS A 93 -34.27 -38.43 25.60
C LYS A 93 -33.37 -39.27 26.49
N ILE A 94 -32.47 -38.62 27.21
CA ILE A 94 -31.56 -39.33 28.09
C ILE A 94 -32.35 -40.10 29.15
N LYS A 95 -33.34 -39.44 29.75
CA LYS A 95 -34.15 -40.08 30.78
C LYS A 95 -35.11 -41.14 30.22
N ASN A 96 -36.10 -40.69 29.45
CA ASN A 96 -37.10 -41.59 28.89
C ASN A 96 -36.62 -42.67 27.91
N GLU A 97 -35.56 -42.39 27.15
CA GLU A 97 -35.06 -43.37 26.18
C GLU A 97 -33.84 -44.12 26.70
N SER A 98 -33.25 -43.62 27.78
CA SER A 98 -32.08 -44.23 28.42
C SER A 98 -30.85 -44.36 27.52
N VAL A 99 -30.67 -43.42 26.61
CA VAL A 99 -29.52 -43.41 25.71
C VAL A 99 -28.50 -42.41 26.25
N ASN A 100 -27.23 -42.54 25.87
CA ASN A 100 -26.22 -41.62 26.38
C ASN A 100 -26.36 -40.21 25.79
N ALA A 101 -25.77 -39.24 26.49
CA ALA A 101 -25.83 -37.83 26.10
C ALA A 101 -25.32 -37.53 24.70
N ALA A 102 -24.21 -38.15 24.31
CA ALA A 102 -23.65 -37.94 22.98
C ALA A 102 -24.72 -38.09 21.91
N GLN A 103 -25.30 -39.29 21.81
CA GLN A 103 -26.33 -39.52 20.80
C GLN A 103 -27.58 -38.70 21.04
N ALA A 104 -27.94 -38.50 22.30
CA ALA A 104 -29.11 -37.71 22.62
C ALA A 104 -28.95 -36.31 22.03
N LEU A 105 -27.77 -35.72 22.23
CA LEU A 105 -27.48 -34.38 21.71
C LEU A 105 -27.52 -34.41 20.19
N THR A 106 -26.76 -35.33 19.60
CA THR A 106 -26.68 -35.47 18.15
C THR A 106 -28.07 -35.64 17.51
N ASP A 107 -28.83 -36.62 17.99
CA ASP A 107 -30.18 -36.87 17.47
C ASP A 107 -31.06 -35.63 17.46
N VAL A 108 -31.21 -35.00 18.62
CA VAL A 108 -32.06 -33.82 18.72
C VAL A 108 -31.56 -32.65 17.89
N SER A 109 -30.26 -32.38 17.92
CA SER A 109 -29.71 -31.28 17.14
C SER A 109 -29.86 -31.54 15.65
N ASN A 110 -29.76 -32.80 15.24
CA ASN A 110 -29.90 -33.14 13.83
C ASN A 110 -31.27 -32.74 13.32
N GLN A 111 -32.31 -33.06 14.09
CA GLN A 111 -33.67 -32.72 13.71
C GLN A 111 -33.78 -31.21 13.46
N PHE A 112 -33.20 -30.43 14.36
CA PHE A 112 -33.21 -28.99 14.22
C PHE A 112 -32.51 -28.59 12.92
N ILE A 113 -31.35 -29.18 12.67
CA ILE A 113 -30.59 -28.89 11.47
C ILE A 113 -31.44 -29.19 10.25
N THR A 114 -32.14 -30.32 10.30
CA THR A 114 -33.01 -30.75 9.21
C THR A 114 -34.10 -29.72 8.91
N ILE A 115 -34.90 -29.42 9.93
CA ILE A 115 -35.99 -28.48 9.81
C ILE A 115 -35.56 -27.07 9.38
N PHE A 116 -34.43 -26.61 9.91
CA PHE A 116 -33.93 -25.27 9.59
C PHE A 116 -33.34 -25.08 8.20
N GLU A 117 -32.82 -26.13 7.59
CA GLU A 117 -32.24 -25.99 6.26
C GLU A 117 -33.29 -26.10 5.16
N SER A 118 -34.41 -26.75 5.46
CA SER A 118 -35.48 -26.90 4.48
C SER A 118 -36.37 -25.65 4.45
N MET A 119 -35.87 -24.56 5.00
CA MET A 119 -36.61 -23.29 5.01
C MET A 119 -35.98 -22.36 3.98
N ASP A 120 -34.81 -22.75 3.49
CA ASP A 120 -34.07 -21.99 2.48
C ASP A 120 -33.87 -20.50 2.74
N ASN A 121 -34.00 -20.07 3.99
CA ASN A 121 -33.80 -18.66 4.32
C ASN A 121 -32.31 -18.45 4.54
N GLU A 122 -31.78 -17.28 4.19
CA GLU A 122 -30.36 -17.04 4.38
C GLU A 122 -29.99 -17.02 5.86
N TYR A 123 -30.99 -16.89 6.74
CA TYR A 123 -30.73 -16.86 8.17
C TYR A 123 -31.04 -18.17 8.86
N MET A 124 -32.12 -18.85 8.43
CA MET A 124 -32.47 -20.13 9.04
C MET A 124 -31.42 -21.18 8.72
N ALA A 125 -30.61 -20.90 7.70
CA ALA A 125 -29.53 -21.81 7.33
C ALA A 125 -28.32 -21.42 8.16
N GLU A 126 -28.36 -20.19 8.66
CA GLU A 126 -27.30 -19.65 9.50
C GLU A 126 -27.53 -20.20 10.91
N ARG A 127 -28.81 -20.36 11.26
CA ARG A 127 -29.17 -20.89 12.58
C ARG A 127 -28.77 -22.36 12.66
N ALA A 128 -29.07 -23.11 11.61
CA ALA A 128 -28.74 -24.53 11.57
C ALA A 128 -27.22 -24.70 11.57
N ALA A 129 -26.52 -23.65 11.13
CA ALA A 129 -25.07 -23.68 11.09
C ALA A 129 -24.49 -23.38 12.47
N ASP A 130 -25.20 -22.58 13.25
CA ASP A 130 -24.77 -22.25 14.61
C ASP A 130 -25.01 -23.48 15.48
N ILE A 131 -26.20 -24.08 15.36
CA ILE A 131 -26.54 -25.26 16.13
C ILE A 131 -25.49 -26.34 15.87
N ARG A 132 -25.23 -26.61 14.60
CA ARG A 132 -24.27 -27.62 14.21
C ARG A 132 -22.88 -27.30 14.76
N ASP A 133 -22.53 -26.02 14.79
CA ASP A 133 -21.23 -25.59 15.28
C ASP A 133 -21.08 -25.68 16.80
N VAL A 134 -22.11 -25.32 17.54
CA VAL A 134 -22.05 -25.37 18.99
C VAL A 134 -22.34 -26.77 19.52
N SER A 135 -23.15 -27.51 18.77
CA SER A 135 -23.53 -28.87 19.13
C SER A 135 -22.26 -29.70 19.15
N LYS A 136 -21.33 -29.34 18.29
CA LYS A 136 -20.04 -30.02 18.15
C LYS A 136 -19.16 -29.74 19.37
N ARG A 137 -19.37 -28.57 19.97
CA ARG A 137 -18.60 -28.15 21.14
C ARG A 137 -19.02 -28.94 22.39
N VAL A 138 -20.33 -29.02 22.61
CA VAL A 138 -20.85 -29.76 23.75
C VAL A 138 -20.47 -31.24 23.59
N LEU A 139 -20.76 -31.79 22.41
CA LEU A 139 -20.46 -33.18 22.10
C LEU A 139 -19.01 -33.55 22.40
N ALA A 140 -18.08 -32.64 22.07
CA ALA A 140 -16.67 -32.90 22.32
C ALA A 140 -16.44 -32.96 23.83
N HIS A 141 -17.10 -32.08 24.57
CA HIS A 141 -16.96 -32.09 26.02
C HIS A 141 -17.55 -33.38 26.55
N ILE A 142 -18.70 -33.76 25.99
CA ILE A 142 -19.38 -34.97 26.40
C ILE A 142 -18.50 -36.21 26.23
N LEU A 143 -17.63 -36.21 25.22
CA LEU A 143 -16.76 -37.36 24.97
C LEU A 143 -15.35 -37.19 25.50
N GLY A 144 -15.06 -36.05 26.09
CA GLY A 144 -13.72 -35.83 26.60
C GLY A 144 -12.71 -35.78 25.46
N VAL A 145 -12.88 -34.81 24.58
CA VAL A 145 -11.99 -34.63 23.44
C VAL A 145 -11.63 -33.16 23.32
N GLU A 146 -10.38 -32.84 23.64
CA GLU A 146 -9.91 -31.46 23.57
C GLU A 146 -9.86 -30.96 22.14
N LEU A 147 -10.64 -29.93 21.83
CA LEU A 147 -10.68 -29.35 20.49
C LEU A 147 -9.99 -28.00 20.40
N PRO A 148 -9.60 -27.57 19.18
CA PRO A 148 -8.93 -26.30 18.93
C PRO A 148 -9.62 -25.07 19.53
N ASN A 149 -8.81 -24.12 19.97
CA ASN A 149 -9.29 -22.87 20.57
C ASN A 149 -8.11 -21.92 20.78
N PRO A 150 -8.39 -20.63 21.03
CA PRO A 150 -7.31 -19.65 21.22
C PRO A 150 -6.40 -19.99 22.41
N VAL A 157 3.63 -19.88 18.40
CA VAL A 157 3.18 -21.08 17.70
C VAL A 157 3.08 -20.82 16.20
N VAL A 158 3.25 -21.88 15.42
CA VAL A 158 3.17 -21.80 13.96
C VAL A 158 1.99 -22.63 13.47
N ILE A 159 0.83 -21.99 13.33
CA ILE A 159 -0.40 -22.65 12.91
C ILE A 159 -0.27 -23.46 11.62
N ILE A 160 -0.95 -24.60 11.57
CA ILE A 160 -0.95 -25.48 10.40
C ILE A 160 -2.28 -26.22 10.33
N GLY A 161 -2.91 -26.21 9.16
CA GLY A 161 -4.20 -26.88 9.00
C GLY A 161 -4.46 -27.48 7.64
N ASN A 162 -5.51 -28.31 7.56
CA ASN A 162 -5.90 -28.96 6.32
C ASN A 162 -6.31 -27.97 5.24
N ASP A 163 -7.31 -27.15 5.55
CA ASP A 163 -7.81 -26.17 4.59
C ASP A 163 -7.43 -24.75 4.99
N LEU A 164 -8.22 -23.78 4.53
CA LEU A 164 -7.99 -22.38 4.82
C LEU A 164 -9.28 -21.72 5.31
N THR A 165 -9.55 -21.85 6.61
CA THR A 165 -10.76 -21.28 7.22
C THR A 165 -10.66 -19.78 7.45
N PRO A 166 -11.51 -19.02 6.77
CA PRO A 166 -11.52 -17.57 6.90
C PRO A 166 -12.34 -17.14 8.11
N SER A 167 -12.60 -18.08 9.02
CA SER A 167 -13.37 -17.80 10.22
C SER A 167 -12.72 -18.42 11.45
N ASP A 168 -12.16 -19.62 11.29
CA ASP A 168 -11.50 -20.32 12.38
C ASP A 168 -10.20 -19.61 12.77
N THR A 169 -9.51 -19.10 11.76
CA THR A 169 -8.25 -18.38 11.97
C THR A 169 -8.51 -16.96 12.42
N ALA A 170 -8.94 -16.81 13.67
CA ALA A 170 -9.23 -15.51 14.24
C ALA A 170 -9.44 -15.67 15.75
N GLN A 171 -9.85 -16.87 16.15
CA GLN A 171 -10.09 -17.15 17.56
C GLN A 171 -8.81 -16.92 18.37
N LEU A 172 -7.70 -17.47 17.89
CA LEU A 172 -6.41 -17.34 18.56
C LEU A 172 -5.96 -15.88 18.64
N ASN A 173 -5.20 -15.57 19.70
CA ASN A 173 -4.69 -14.23 19.91
C ASN A 173 -3.51 -13.95 18.99
N LYS A 174 -3.65 -12.93 18.14
CA LYS A 174 -2.61 -12.55 17.20
C LYS A 174 -1.25 -12.39 17.86
N GLU A 175 -1.24 -12.18 19.17
CA GLU A 175 0.01 -12.00 19.91
C GLU A 175 0.79 -13.33 19.87
N TYR A 176 0.25 -14.33 20.55
CA TYR A 176 0.89 -15.65 20.60
C TYR A 176 0.81 -16.30 19.22
N VAL A 177 -0.04 -15.75 18.37
CA VAL A 177 -0.21 -16.27 17.01
C VAL A 177 0.92 -15.79 16.11
N GLN A 178 2.14 -15.85 16.62
CA GLN A 178 3.30 -15.44 15.84
C GLN A 178 3.57 -16.50 14.79
N GLY A 179 4.79 -16.52 14.25
CA GLY A 179 5.12 -17.51 13.23
C GLY A 179 4.28 -17.38 11.97
N PHE A 180 4.01 -18.52 11.34
CA PHE A 180 3.22 -18.54 10.10
C PHE A 180 1.94 -19.36 10.19
N VAL A 181 1.40 -19.69 9.02
CA VAL A 181 0.17 -20.48 8.90
C VAL A 181 0.17 -21.22 7.56
N THR A 182 0.94 -22.29 7.48
CA THR A 182 1.04 -23.09 6.24
C THR A 182 0.02 -24.22 6.14
N ASN A 183 -1.00 -24.01 5.31
CA ASN A 183 -2.05 -25.01 5.11
C ASN A 183 -1.74 -25.91 3.91
N ILE A 184 -2.73 -26.07 3.03
CA ILE A 184 -2.57 -26.89 1.82
C ILE A 184 -3.46 -26.34 0.69
N GLY A 185 -3.53 -25.01 0.61
CA GLY A 185 -4.33 -24.37 -0.41
C GLY A 185 -5.82 -24.32 -0.05
N SER A 189 -5.99 -17.28 -1.36
CA SER A 189 -7.09 -17.92 -0.66
C SER A 189 -7.34 -17.26 0.69
N HIS A 190 -8.19 -17.88 1.51
CA HIS A 190 -8.51 -17.35 2.82
C HIS A 190 -7.30 -17.40 3.74
N SER A 191 -6.27 -18.11 3.30
CA SER A 191 -5.03 -18.25 4.07
C SER A 191 -4.00 -17.21 3.64
N ALA A 192 -3.74 -17.15 2.34
CA ALA A 192 -2.78 -16.20 1.80
C ALA A 192 -3.21 -14.75 1.99
N ILE A 193 -4.46 -14.56 2.41
CA ILE A 193 -5.00 -13.22 2.63
C ILE A 193 -4.37 -12.57 3.86
N MET A 194 -4.73 -13.07 5.03
CA MET A 194 -4.20 -12.53 6.28
C MET A 194 -2.73 -12.87 6.42
N SER A 195 -2.22 -13.68 5.50
CA SER A 195 -0.82 -14.10 5.52
C SER A 195 0.05 -12.85 5.49
N ARG A 196 -0.20 -11.97 4.53
CA ARG A 196 0.57 -10.74 4.40
C ARG A 196 -0.10 -9.62 5.18
N SER A 197 -1.39 -9.80 5.48
CA SER A 197 -2.15 -8.81 6.24
C SER A 197 -1.66 -8.71 7.68
N LEU A 198 -1.40 -9.86 8.30
CA LEU A 198 -0.91 -9.88 9.68
C LEU A 198 0.59 -9.67 9.71
N GLU A 199 1.19 -9.42 8.54
CA GLU A 199 2.62 -9.18 8.41
C GLU A 199 3.47 -10.34 8.96
N ILE A 200 2.90 -11.54 8.95
CA ILE A 200 3.61 -12.72 9.43
C ILE A 200 4.22 -13.46 8.24
N PRO A 201 4.71 -14.68 8.48
CA PRO A 201 5.29 -15.48 7.41
C PRO A 201 4.22 -16.41 6.87
N ALA A 202 4.54 -17.13 5.79
CA ALA A 202 3.59 -18.06 5.18
C ALA A 202 4.24 -19.36 4.72
N VAL A 203 4.84 -19.33 3.53
CA VAL A 203 5.51 -20.50 2.98
C VAL A 203 4.54 -21.68 2.88
N GLY A 205 0.70 -22.86 0.68
CA GLY A 205 -0.02 -23.62 -0.33
C GLY A 205 0.52 -25.03 -0.53
N THR A 206 0.70 -25.76 0.58
CA THR A 206 1.21 -27.13 0.51
C THR A 206 0.12 -28.10 0.08
N LYS A 207 0.30 -29.37 0.43
CA LYS A 207 -0.65 -30.41 0.08
C LYS A 207 -0.55 -31.57 1.07
N SER A 208 0.64 -32.16 1.14
CA SER A 208 0.89 -33.28 2.04
C SER A 208 1.56 -32.81 3.33
N ILE A 209 1.17 -31.63 3.81
CA ILE A 209 1.74 -31.07 5.03
C ILE A 209 1.01 -31.60 6.25
N THR A 210 -0.10 -32.30 6.02
CA THR A 210 -0.89 -32.87 7.09
C THR A 210 -0.12 -33.95 7.85
N GLU A 211 1.01 -34.37 7.27
CA GLU A 211 1.86 -35.39 7.88
C GLU A 211 3.28 -34.87 8.05
N GLU A 212 3.42 -33.74 8.74
CA GLU A 212 4.71 -33.13 8.98
C GLU A 212 5.19 -33.48 10.39
N VAL A 213 5.18 -32.48 11.28
CA VAL A 213 5.61 -32.70 12.65
C VAL A 213 4.40 -33.04 13.53
N GLU A 214 4.66 -33.59 14.71
CA GLU A 214 3.60 -33.96 15.62
C GLU A 214 2.93 -32.71 16.19
N ALA A 215 2.17 -32.87 17.27
CA ALA A 215 1.49 -31.74 17.89
C ALA A 215 2.49 -30.84 18.61
N GLY A 216 3.71 -31.34 18.81
CA GLY A 216 4.75 -30.58 19.47
C GLY A 216 5.42 -29.59 18.54
N ASP A 217 6.10 -30.11 17.53
CA ASP A 217 6.79 -29.27 16.54
C ASP A 217 7.75 -28.30 17.22
N ILE A 219 7.92 -25.58 14.12
CA ILE A 219 8.13 -25.47 12.68
C ILE A 219 8.93 -24.22 12.31
N VAL A 220 9.32 -24.12 11.04
CA VAL A 220 10.09 -22.98 10.54
C VAL A 220 9.57 -22.56 9.16
N VAL A 221 8.84 -21.46 9.12
CA VAL A 221 8.26 -20.94 7.87
C VAL A 221 9.28 -20.66 6.77
N ASP A 222 9.71 -19.41 6.66
CA ASP A 222 10.68 -18.99 5.66
C ASP A 222 10.18 -19.24 4.24
N ASP A 227 9.55 -24.71 4.20
CA ASP A 227 8.98 -25.22 5.44
C ASP A 227 9.89 -26.28 6.06
N VAL A 228 10.62 -25.88 7.10
CA VAL A 228 11.55 -26.81 7.77
C VAL A 228 11.05 -27.21 9.17
N LEU A 229 10.73 -28.49 9.31
CA LEU A 229 10.25 -29.03 10.59
C LEU A 229 10.08 -30.54 10.49
N PRO A 232 11.35 -30.15 13.30
CA PRO A 232 12.50 -29.30 13.60
C PRO A 232 13.80 -30.03 13.29
N SER A 233 14.92 -29.37 13.54
CA SER A 233 16.24 -29.94 13.30
C SER A 233 17.15 -29.68 14.51
N ASP A 234 16.88 -28.59 15.22
CA ASP A 234 17.64 -28.22 16.41
C ASP A 234 19.11 -27.94 16.11
N GLU A 235 19.50 -28.04 14.84
CA GLU A 235 20.87 -27.80 14.42
C GLU A 235 20.93 -26.54 13.57
N VAL A 236 20.18 -26.54 12.48
CA VAL A 236 20.13 -25.39 11.58
C VAL A 236 19.13 -24.38 12.12
N ILE A 237 18.87 -24.45 13.41
CA ILE A 237 17.94 -23.54 14.08
C ILE A 237 18.62 -22.21 14.38
N ALA A 238 19.89 -22.12 14.02
CA ALA A 238 20.66 -20.90 14.24
C ALA A 238 20.70 -20.08 12.95
N GLU A 239 20.80 -20.78 11.82
CA GLU A 239 20.84 -20.13 10.51
C GLU A 239 19.60 -19.26 10.28
N TYR A 240 18.43 -19.87 10.37
CA TYR A 240 17.18 -19.16 10.17
C TYR A 240 16.92 -18.17 11.30
N GLN A 241 17.42 -18.47 12.49
CA GLN A 241 17.23 -17.60 13.64
C GLN A 241 17.87 -16.23 13.40
N GLU A 242 19.07 -16.23 12.82
CA GLU A 242 19.77 -14.98 12.55
C GLU A 242 19.35 -14.45 11.18
N LYS A 243 18.74 -15.32 10.36
CA LYS A 243 18.28 -14.91 9.04
C LYS A 243 17.00 -14.12 9.26
N ARG A 244 16.45 -14.25 10.46
CA ARG A 244 15.23 -13.54 10.84
C ARG A 244 15.67 -12.16 11.33
N GLU A 245 16.80 -12.14 12.04
CA GLU A 245 17.35 -10.90 12.56
C GLU A 245 18.06 -10.17 11.42
N ASN A 246 17.78 -10.62 10.20
CA ASN A 246 18.34 -10.04 8.99
C ASN A 246 17.16 -9.47 8.21
N PHE A 247 15.99 -10.08 8.41
CA PHE A 247 14.77 -9.64 7.75
C PHE A 247 14.18 -8.46 8.50
N PHE A 248 14.08 -8.59 9.82
CA PHE A 248 13.55 -7.52 10.65
C PHE A 248 14.59 -6.41 10.72
N LYS A 249 15.86 -6.78 10.57
CA LYS A 249 16.95 -5.82 10.62
C LYS A 249 16.79 -4.78 9.51
N ASP A 250 16.64 -5.24 8.28
CA ASP A 250 16.47 -4.35 7.13
C ASP A 250 15.22 -3.49 7.28
N LYS A 251 14.08 -4.13 7.50
CA LYS A 251 12.81 -3.42 7.65
C LYS A 251 12.85 -2.38 8.77
N GLN A 252 13.61 -2.64 9.82
CA GLN A 252 13.69 -1.71 10.93
C GLN A 252 14.61 -0.54 10.64
N GLU A 253 15.83 -0.82 10.21
CA GLU A 253 16.80 0.23 9.92
C GLU A 253 16.30 1.11 8.77
N LEU A 254 15.38 0.57 7.97
CA LEU A 254 14.82 1.30 6.84
C LEU A 254 13.82 2.35 7.31
N GLN A 255 12.89 1.94 8.16
CA GLN A 255 11.89 2.87 8.66
C GLN A 255 12.51 3.86 9.64
N LYS A 256 13.69 3.52 10.15
CA LYS A 256 14.40 4.38 11.08
C LYS A 256 14.87 5.62 10.35
N LEU A 257 15.01 5.51 9.04
CA LEU A 257 15.46 6.61 8.20
C LEU A 257 14.32 7.59 7.91
N ARG A 258 13.15 7.31 8.46
CA ARG A 258 11.98 8.14 8.25
C ARG A 258 12.29 9.60 8.59
N ASP A 259 13.08 9.81 9.65
CA ASP A 259 13.43 11.16 10.09
C ASP A 259 14.88 11.50 9.79
N ALA A 260 15.61 10.54 9.26
CA ALA A 260 17.02 10.74 8.93
C ALA A 260 17.17 11.69 7.74
N GLU A 261 18.28 12.41 7.70
CA GLU A 261 18.53 13.33 6.60
C GLU A 261 18.90 12.57 5.33
N SER A 262 18.71 13.23 4.19
CA SER A 262 19.05 12.63 2.90
C SER A 262 20.44 13.17 2.55
N VAL A 263 21.46 12.60 3.17
CA VAL A 263 22.83 13.04 2.94
C VAL A 263 23.76 11.92 2.53
N THR A 264 24.71 12.23 1.65
CA THR A 264 25.67 11.24 1.19
C THR A 264 26.71 11.08 2.28
N ALA A 265 27.37 9.92 2.29
CA ALA A 265 28.41 9.60 3.26
C ALA A 265 29.43 10.72 3.41
N ASP A 266 29.65 11.51 2.35
CA ASP A 266 30.62 12.59 2.44
C ASP A 266 30.00 13.97 2.63
N GLY A 267 28.80 13.99 3.19
CA GLY A 267 28.12 15.24 3.47
C GLY A 267 27.34 16.01 2.44
N HIS A 268 27.05 15.42 1.28
CA HIS A 268 26.28 16.15 0.27
C HIS A 268 24.79 15.98 0.55
N HIS A 269 24.09 17.12 0.65
CA HIS A 269 22.65 17.12 0.95
C HIS A 269 21.73 17.26 -0.27
N VAL A 270 20.64 16.49 -0.25
CA VAL A 270 19.62 16.53 -1.30
C VAL A 270 18.27 16.37 -0.63
N GLU A 271 17.20 16.74 -1.32
CA GLU A 271 15.86 16.65 -0.76
C GLU A 271 15.09 15.53 -1.43
N LEU A 272 14.35 14.74 -0.64
CA LEU A 272 13.55 13.66 -1.21
C LEU A 272 12.07 13.97 -1.01
N ALA A 273 11.44 14.51 -2.06
CA ALA A 273 10.03 14.87 -2.00
C ALA A 273 9.13 13.76 -2.53
N ALA A 274 7.83 13.94 -2.38
CA ALA A 274 6.87 12.94 -2.84
C ALA A 274 6.00 13.47 -3.98
N ASN A 275 5.49 12.56 -4.80
CA ASN A 275 4.60 12.90 -5.90
C ASN A 275 3.22 12.45 -5.47
N ILE A 276 2.25 13.34 -5.49
CA ILE A 276 0.89 12.96 -5.11
C ILE A 276 -0.07 13.41 -6.20
N GLY A 277 -1.28 12.85 -6.17
CA GLY A 277 -2.28 13.23 -7.15
C GLY A 277 -3.59 13.53 -6.44
N THR A 278 -3.53 13.63 -5.11
CA THR A 278 -4.71 13.93 -4.31
C THR A 278 -4.36 14.09 -2.83
N PRO A 279 -5.10 14.94 -2.10
CA PRO A 279 -4.84 15.15 -0.67
C PRO A 279 -4.89 13.84 0.10
N ASN A 280 -5.54 12.83 -0.47
CA ASN A 280 -5.63 11.53 0.19
C ASN A 280 -4.28 10.83 0.17
N ASP A 281 -3.32 11.34 -0.59
CA ASP A 281 -2.00 10.73 -0.63
C ASP A 281 -1.14 11.25 0.49
N LEU A 282 -1.66 12.24 1.24
CA LEU A 282 -0.93 12.86 2.35
C LEU A 282 -0.42 11.91 3.44
N PRO A 283 -1.27 10.99 3.93
CA PRO A 283 -0.79 10.08 4.97
C PRO A 283 0.47 9.32 4.58
N GLY A 284 0.56 8.89 3.32
CA GLY A 284 1.73 8.16 2.88
C GLY A 284 2.97 9.05 2.80
N VAL A 285 2.76 10.35 2.65
CA VAL A 285 3.84 11.32 2.57
C VAL A 285 4.56 11.41 3.92
N ILE A 286 3.78 11.52 4.99
CA ILE A 286 4.34 11.65 6.34
C ILE A 286 4.97 10.35 6.85
N GLU A 287 4.30 9.23 6.62
CA GLU A 287 4.80 7.94 7.10
C GLU A 287 6.02 7.44 6.34
N ASN A 288 6.45 8.19 5.33
CA ASN A 288 7.61 7.79 4.54
C ASN A 288 8.74 8.80 4.69
N GLY A 289 8.45 9.90 5.40
CA GLY A 289 9.46 10.90 5.65
C GLY A 289 9.82 11.83 4.52
N ALA A 290 8.87 12.10 3.63
CA ALA A 290 9.12 13.00 2.51
C ALA A 290 9.49 14.35 3.08
N GLU A 291 10.33 15.09 2.37
CA GLU A 291 10.76 16.40 2.81
C GLU A 291 10.01 17.50 2.09
N GLY A 292 8.94 17.11 1.42
CA GLY A 292 8.12 18.06 0.69
C GLY A 292 7.44 17.36 -0.46
N ILE A 293 6.64 18.09 -1.20
CA ILE A 293 5.97 17.52 -2.35
C ILE A 293 6.52 18.15 -3.63
N GLY A 294 7.16 17.33 -4.46
CA GLY A 294 7.76 17.81 -5.69
C GLY A 294 6.81 17.80 -6.89
N LEU A 295 5.68 17.14 -6.74
CA LEU A 295 4.72 17.09 -7.82
C LEU A 295 3.35 16.82 -7.27
N TYR A 296 2.47 17.80 -7.39
CA TYR A 296 1.10 17.65 -6.97
C TYR A 296 0.35 17.68 -8.29
N ARG A 297 0.02 16.50 -8.79
CA ARG A 297 -0.72 16.36 -10.04
C ARG A 297 -2.14 16.81 -9.80
N THR A 298 -2.64 17.70 -10.66
CA THR A 298 -3.98 18.26 -10.50
C THR A 298 -5.07 17.76 -11.45
N GLU A 299 -4.78 16.71 -12.22
CA GLU A 299 -5.78 16.16 -13.15
C GLU A 299 -7.03 15.63 -12.43
N PHE A 300 -6.85 15.06 -11.24
CA PHE A 300 -7.98 14.50 -10.48
C PHE A 300 -9.12 15.49 -10.28
N LEU A 301 -8.80 16.78 -10.27
CA LEU A 301 -9.79 17.83 -10.10
C LEU A 301 -10.64 18.03 -11.36
N TYR A 302 -10.09 17.64 -12.52
CA TYR A 302 -10.77 17.83 -13.79
C TYR A 302 -11.32 16.57 -14.47
N MET A 303 -10.65 15.43 -14.30
CA MET A 303 -11.07 14.19 -14.91
C MET A 303 -12.28 13.58 -14.22
N GLY A 304 -13.00 12.73 -14.96
CA GLY A 304 -14.17 12.06 -14.43
C GLY A 304 -15.30 12.93 -13.91
N ARG A 305 -15.67 13.97 -14.65
CA ARG A 305 -16.77 14.84 -14.23
C ARG A 305 -17.37 15.58 -15.41
N ASP A 306 -18.57 16.12 -15.22
CA ASP A 306 -19.26 16.81 -16.29
C ASP A 306 -19.18 18.33 -16.25
N GLN A 307 -18.56 18.88 -15.22
CA GLN A 307 -18.41 20.33 -15.10
C GLN A 307 -16.99 20.57 -14.64
N MET A 308 -16.44 21.74 -14.94
CA MET A 308 -15.07 22.01 -14.51
C MET A 308 -15.09 22.31 -13.00
N PRO A 309 -13.99 22.02 -12.32
CA PRO A 309 -13.93 22.26 -10.87
C PRO A 309 -13.89 23.76 -10.60
N THR A 310 -14.64 24.19 -9.59
CA THR A 310 -14.66 25.61 -9.22
C THR A 310 -13.38 26.02 -8.52
N GLU A 311 -13.16 27.33 -8.47
CA GLU A 311 -12.00 27.90 -7.83
C GLU A 311 -11.99 27.47 -6.36
N GLU A 312 -13.15 27.59 -5.73
CA GLU A 312 -13.28 27.24 -4.33
C GLU A 312 -12.94 25.78 -4.05
N GLU A 313 -13.40 24.89 -4.91
CA GLU A 313 -13.11 23.49 -4.70
C GLU A 313 -11.61 23.16 -4.79
N GLN A 314 -10.93 23.81 -5.74
CA GLN A 314 -9.50 23.58 -5.92
C GLN A 314 -8.73 24.20 -4.74
N PHE A 315 -9.16 25.38 -4.34
CA PHE A 315 -8.56 26.07 -3.22
C PHE A 315 -8.46 25.12 -2.01
N GLU A 316 -9.60 24.55 -1.63
CA GLU A 316 -9.68 23.64 -0.49
C GLU A 316 -8.64 22.53 -0.57
N ALA A 317 -8.49 21.94 -1.74
CA ALA A 317 -7.54 20.84 -1.88
C ALA A 317 -6.08 21.30 -1.91
N TYR A 318 -5.81 22.52 -2.38
CA TYR A 318 -4.43 22.97 -2.41
C TYR A 318 -4.04 23.35 -0.98
N LYS A 319 -4.91 24.12 -0.34
CA LYS A 319 -4.72 24.58 1.03
C LYS A 319 -4.53 23.42 2.02
N ALA A 320 -5.34 22.38 1.87
CA ALA A 320 -5.24 21.23 2.77
C ALA A 320 -3.82 20.71 2.76
N VAL A 321 -3.25 20.52 1.56
CA VAL A 321 -1.90 20.00 1.42
C VAL A 321 -0.85 21.00 1.85
N LEU A 322 -1.01 22.27 1.47
CA LEU A 322 -0.01 23.27 1.85
C LEU A 322 0.13 23.27 3.39
N GLU A 323 -1.01 23.35 4.08
CA GLU A 323 -1.03 23.37 5.53
C GLU A 323 -0.49 22.12 6.19
N ALA A 324 -0.87 20.97 5.63
CA ALA A 324 -0.44 19.70 6.19
C ALA A 324 1.06 19.45 6.10
N MET A 325 1.75 20.20 5.24
CA MET A 325 3.19 20.04 5.05
C MET A 325 4.04 20.99 5.88
N LYS A 326 3.37 21.74 6.76
CA LYS A 326 4.05 22.68 7.67
C LYS A 326 5.26 23.43 7.11
N GLY A 327 5.06 24.23 6.08
CA GLY A 327 6.18 25.00 5.54
C GLY A 327 7.13 24.25 4.62
N LYS A 328 6.87 22.98 4.38
CA LYS A 328 7.72 22.20 3.48
C LYS A 328 7.29 22.60 2.05
N ARG A 329 8.21 22.54 1.09
CA ARG A 329 7.88 22.92 -0.29
C ARG A 329 6.81 22.03 -0.93
N VAL A 330 5.84 22.66 -1.60
CA VAL A 330 4.78 21.92 -2.29
C VAL A 330 4.71 22.46 -3.71
N VAL A 331 5.10 21.66 -4.70
CA VAL A 331 5.11 22.09 -6.10
C VAL A 331 3.88 21.60 -6.86
N VAL A 332 2.93 22.49 -7.08
CA VAL A 332 1.71 22.14 -7.79
C VAL A 332 1.89 22.29 -9.31
N ARG A 333 1.42 21.29 -10.06
CA ARG A 333 1.51 21.33 -11.51
C ARG A 333 0.15 21.73 -12.06
N THR A 334 0.12 22.77 -12.88
CA THR A 334 -1.14 23.21 -13.45
C THR A 334 -1.67 22.09 -14.35
N LEU A 335 -2.91 22.21 -14.80
CA LEU A 335 -3.56 21.16 -15.61
C LEU A 335 -2.70 20.65 -16.76
N ASP A 336 -2.44 19.35 -16.75
CA ASP A 336 -1.59 18.71 -17.76
C ASP A 336 -2.41 17.64 -18.45
N ILE A 337 -3.29 18.04 -19.37
CA ILE A 337 -4.14 17.08 -20.03
C ILE A 337 -4.53 17.47 -21.44
N GLY A 338 -4.81 16.47 -22.27
CA GLY A 338 -5.18 16.72 -23.67
C GLY A 338 -6.35 15.87 -24.15
N GLY A 339 -6.63 15.96 -25.44
CA GLY A 339 -7.74 15.22 -26.03
C GLY A 339 -7.80 13.71 -25.83
N ASP A 340 -6.68 13.08 -25.53
CA ASP A 340 -6.72 11.63 -25.33
C ASP A 340 -7.51 11.26 -24.07
N LYS A 341 -7.98 12.27 -23.33
CA LYS A 341 -8.76 12.04 -22.11
C LYS A 341 -10.21 12.48 -22.27
N GLU A 342 -11.12 11.78 -21.59
CA GLU A 342 -12.57 12.04 -21.63
C GLU A 342 -12.97 13.52 -21.71
N LEU A 343 -13.03 14.18 -20.55
CA LEU A 343 -13.39 15.60 -20.42
C LEU A 343 -14.60 16.14 -21.20
N PRO A 344 -15.81 15.79 -20.77
CA PRO A 344 -17.10 16.19 -21.36
C PRO A 344 -17.28 17.67 -21.63
N TYR A 345 -16.96 18.51 -20.64
CA TYR A 345 -17.06 19.95 -20.84
C TYR A 345 -15.82 20.19 -21.69
N LEU A 346 -15.74 21.30 -22.43
CA LEU A 346 -14.56 21.47 -23.31
C LEU A 346 -14.71 20.52 -24.51
N ASP A 347 -14.37 20.98 -25.71
CA ASP A 347 -14.47 20.13 -26.89
C ASP A 347 -13.14 20.02 -27.63
N LEU A 348 -12.45 18.91 -27.42
CA LEU A 348 -11.15 18.67 -28.04
C LEU A 348 -11.25 17.67 -29.19
N PRO A 349 -10.99 18.11 -30.43
CA PRO A 349 -11.05 17.23 -31.61
C PRO A 349 -10.18 15.96 -31.47
N GLU A 350 -10.40 15.02 -32.38
CA GLU A 350 -9.71 13.73 -32.41
C GLU A 350 -8.19 13.69 -32.31
N GLU A 351 -7.48 14.41 -33.19
CA GLU A 351 -6.00 14.40 -33.17
C GLU A 351 -5.26 13.08 -33.48
N MET A 352 -4.37 13.15 -34.47
CA MET A 352 -3.58 12.00 -34.90
C MET A 352 -2.42 11.64 -33.94
N ASN A 353 -1.75 12.66 -33.40
CA ASN A 353 -0.65 12.45 -32.45
C ASN A 353 -0.94 13.38 -31.25
N PRO A 354 -1.89 12.99 -30.38
CA PRO A 354 -2.19 13.85 -29.23
C PRO A 354 -1.00 14.27 -28.37
N PHE A 355 -0.03 13.38 -28.17
CA PHE A 355 1.13 13.77 -27.36
C PHE A 355 1.94 14.87 -28.05
N LEU A 356 1.67 15.13 -29.32
CA LEU A 356 2.36 16.19 -30.03
C LEU A 356 1.38 17.31 -30.39
N GLY A 357 0.29 17.44 -29.62
CA GLY A 357 -0.71 18.45 -29.92
C GLY A 357 -1.27 19.35 -28.83
N TYR A 358 -2.53 19.73 -29.04
CA TYR A 358 -3.29 20.62 -28.17
C TYR A 358 -3.50 20.04 -26.76
N ARG A 359 -2.61 20.39 -25.84
CA ARG A 359 -2.70 19.87 -24.48
C ARG A 359 -1.95 20.72 -23.45
N ALA A 360 -2.20 20.41 -22.17
CA ALA A 360 -1.55 21.10 -21.06
C ALA A 360 -1.58 22.62 -21.17
N ILE A 361 -0.42 23.25 -21.02
CA ILE A 361 -0.33 24.71 -21.07
C ILE A 361 -0.85 25.32 -22.38
N ARG A 362 -0.85 24.52 -23.45
CA ARG A 362 -1.32 24.98 -24.74
C ARG A 362 -2.82 25.17 -24.68
N LEU A 363 -3.48 24.22 -24.03
CA LEU A 363 -4.91 24.26 -23.84
C LEU A 363 -5.26 25.37 -22.86
N CYS A 364 -4.52 25.46 -21.77
CA CYS A 364 -4.80 26.48 -20.76
C CYS A 364 -4.65 27.91 -21.30
N LEU A 365 -3.57 28.20 -22.03
CA LEU A 365 -3.37 29.53 -22.56
C LEU A 365 -4.41 29.87 -23.61
N ASP A 366 -4.90 28.85 -24.31
CA ASP A 366 -5.90 29.04 -25.35
C ASP A 366 -7.31 29.13 -24.79
N GLN A 367 -7.50 28.63 -23.58
CA GLN A 367 -8.80 28.65 -22.94
C GLN A 367 -8.66 29.10 -21.49
N PRO A 368 -8.34 30.39 -21.28
CA PRO A 368 -8.17 30.98 -19.96
C PRO A 368 -9.34 30.78 -19.01
N GLU A 369 -10.52 30.48 -19.54
CA GLU A 369 -11.67 30.26 -18.67
C GLU A 369 -11.48 28.98 -17.85
N ILE A 370 -10.57 28.10 -18.27
CA ILE A 370 -10.33 26.88 -17.51
C ILE A 370 -9.05 27.01 -16.69
N PHE A 371 -8.21 27.97 -17.07
CA PHE A 371 -6.92 28.19 -16.41
C PHE A 371 -7.01 29.17 -15.23
N ARG A 372 -7.77 30.26 -15.39
CA ARG A 372 -7.92 31.24 -14.33
C ARG A 372 -8.44 30.66 -13.00
N PRO A 373 -9.48 29.81 -13.06
CA PRO A 373 -9.92 29.29 -11.74
C PRO A 373 -8.79 28.57 -11.00
N GLN A 374 -7.94 27.86 -11.74
CA GLN A 374 -6.84 27.14 -11.13
C GLN A 374 -5.77 28.10 -10.55
N LEU A 375 -5.42 29.15 -11.30
CA LEU A 375 -4.42 30.11 -10.85
C LEU A 375 -4.91 30.95 -9.67
N ARG A 376 -6.19 31.33 -9.69
CA ARG A 376 -6.74 32.11 -8.59
C ARG A 376 -6.71 31.29 -7.32
N ALA A 377 -7.13 30.03 -7.42
CA ALA A 377 -7.15 29.16 -6.26
C ALA A 377 -5.72 28.95 -5.70
N LEU A 378 -4.75 28.73 -6.59
CA LEU A 378 -3.36 28.53 -6.18
C LEU A 378 -2.85 29.78 -5.46
N LEU A 379 -3.07 30.93 -6.08
CA LEU A 379 -2.66 32.20 -5.52
C LEU A 379 -3.27 32.37 -4.12
N ARG A 380 -4.54 32.01 -3.97
CA ARG A 380 -5.22 32.14 -2.68
C ARG A 380 -4.69 31.16 -1.65
N ALA A 381 -4.33 29.97 -2.11
CA ALA A 381 -3.85 28.94 -1.21
C ALA A 381 -2.40 29.18 -0.79
N SER A 382 -1.69 29.99 -1.56
CA SER A 382 -0.28 30.27 -1.27
C SER A 382 0.04 30.79 0.12
N VAL A 383 -0.93 31.42 0.79
CA VAL A 383 -0.66 31.96 2.12
C VAL A 383 -0.64 30.90 3.21
N PHE A 384 -1.00 29.67 2.88
CA PHE A 384 -1.04 28.60 3.88
C PHE A 384 0.16 27.67 3.90
N GLY A 385 1.18 27.97 3.10
CA GLY A 385 2.35 27.12 3.07
C GLY A 385 3.41 27.59 2.09
N LYS A 386 4.37 26.72 1.79
CA LYS A 386 5.45 27.04 0.87
C LYS A 386 5.10 26.48 -0.50
N LEU A 387 4.40 27.28 -1.28
CA LEU A 387 3.94 26.87 -2.61
C LEU A 387 4.84 27.25 -3.80
N ASN A 388 4.96 26.31 -4.73
CA ASN A 388 5.71 26.51 -5.97
C ASN A 388 4.75 26.07 -7.06
N ILE A 389 4.66 26.87 -8.12
CA ILE A 389 3.77 26.56 -9.24
C ILE A 389 4.59 26.25 -10.47
N MET A 390 4.31 25.11 -11.12
CA MET A 390 5.04 24.82 -12.34
C MET A 390 4.12 24.50 -13.50
N PHE A 391 4.51 24.96 -14.68
CA PHE A 391 3.72 24.76 -15.87
C PHE A 391 4.26 23.59 -16.68
N PRO A 392 3.36 22.75 -17.20
CA PRO A 392 3.73 21.58 -18.01
C PRO A 392 3.62 21.87 -19.51
N MET A 393 4.38 21.11 -20.31
CA MET A 393 4.41 21.24 -21.76
C MET A 393 4.82 22.59 -22.31
N VAL A 394 5.71 23.29 -21.61
CA VAL A 394 6.16 24.56 -22.09
C VAL A 394 7.23 24.24 -23.09
N ALA A 395 7.17 24.88 -24.25
CA ALA A 395 8.16 24.61 -25.29
C ALA A 395 8.91 25.87 -25.66
N THR A 396 8.28 27.01 -25.41
CA THR A 396 8.82 28.30 -25.77
C THR A 396 8.88 29.27 -24.61
N ILE A 397 9.81 30.22 -24.68
CA ILE A 397 9.95 31.21 -23.61
C ILE A 397 8.73 32.10 -23.56
N GLN A 398 8.11 32.33 -24.72
CA GLN A 398 6.92 33.17 -24.77
C GLN A 398 5.75 32.51 -24.06
N GLU A 399 5.73 31.17 -24.04
CA GLU A 399 4.65 30.46 -23.36
C GLU A 399 4.77 30.64 -21.85
N PHE A 400 5.99 30.64 -21.34
CA PHE A 400 6.19 30.84 -19.92
C PHE A 400 5.80 32.27 -19.55
N ARG A 401 6.21 33.22 -20.38
CA ARG A 401 5.90 34.64 -20.15
C ARG A 401 4.40 34.91 -20.17
N ASP A 402 3.68 34.25 -21.08
CA ASP A 402 2.23 34.42 -21.15
C ASP A 402 1.56 33.81 -19.93
N ALA A 403 2.07 32.66 -19.49
CA ALA A 403 1.48 32.02 -18.32
C ALA A 403 1.73 32.91 -17.11
N LYS A 404 2.97 33.38 -16.97
CA LYS A 404 3.31 34.23 -15.84
C LYS A 404 2.48 35.51 -15.83
N ALA A 405 2.31 36.14 -16.98
CA ALA A 405 1.54 37.37 -17.06
C ALA A 405 0.11 37.12 -16.59
N LEU A 406 -0.44 35.97 -16.95
CA LEU A 406 -1.81 35.64 -16.57
C LEU A 406 -1.90 35.39 -15.08
N LEU A 407 -0.83 34.87 -14.49
CA LEU A 407 -0.79 34.62 -13.06
C LEU A 407 -0.76 35.95 -12.33
N GLU A 408 0.01 36.90 -12.87
CA GLU A 408 0.16 38.22 -12.28
C GLU A 408 -1.13 39.00 -12.41
N GLU A 409 -1.86 38.75 -13.49
CA GLU A 409 -3.12 39.42 -13.73
C GLU A 409 -4.13 39.07 -12.65
N GLU A 410 -4.21 37.78 -12.30
CA GLU A 410 -5.14 37.32 -11.28
C GLU A 410 -4.60 37.66 -9.91
N ARG A 411 -3.30 37.92 -9.84
CA ARG A 411 -2.68 38.29 -8.57
C ARG A 411 -3.28 39.64 -8.21
N ALA A 412 -3.21 40.57 -9.15
CA ALA A 412 -3.74 41.91 -8.97
C ALA A 412 -5.23 41.84 -8.72
N ASN A 413 -5.93 40.95 -9.42
CA ASN A 413 -7.37 40.81 -9.24
C ASN A 413 -7.71 40.40 -7.80
N LEU A 414 -7.01 39.40 -7.30
CA LEU A 414 -7.25 38.92 -5.95
C LEU A 414 -6.99 39.99 -4.88
N LYS A 415 -5.98 40.82 -5.06
CA LYS A 415 -5.67 41.87 -4.09
C LYS A 415 -6.73 42.97 -4.10
N ASN A 416 -7.24 43.30 -5.28
CA ASN A 416 -8.26 44.33 -5.41
C ASN A 416 -9.61 43.82 -4.93
N GLU A 417 -9.65 42.56 -4.49
CA GLU A 417 -10.88 41.96 -3.98
C GLU A 417 -10.73 41.62 -2.49
N GLY A 418 -9.58 41.98 -1.92
CA GLY A 418 -9.34 41.72 -0.52
C GLY A 418 -8.61 40.45 -0.14
N TYR A 419 -8.32 39.59 -1.10
CA TYR A 419 -7.65 38.35 -0.76
C TYR A 419 -6.15 38.52 -0.49
N GLU A 420 -5.60 37.68 0.39
CA GLU A 420 -4.18 37.75 0.68
C GLU A 420 -3.47 36.76 -0.24
N VAL A 421 -2.31 37.15 -0.75
CA VAL A 421 -1.55 36.31 -1.66
C VAL A 421 -0.07 36.36 -1.31
N ALA A 422 0.54 35.21 -1.07
CA ALA A 422 1.96 35.16 -0.74
C ALA A 422 2.75 35.84 -1.84
N ASP A 423 3.76 36.62 -1.47
CA ASP A 423 4.55 37.33 -2.48
C ASP A 423 5.74 36.54 -3.05
N ASP A 424 6.19 35.51 -2.34
CA ASP A 424 7.32 34.73 -2.79
C ASP A 424 6.97 33.35 -3.39
N ILE A 425 6.06 33.33 -4.36
CA ILE A 425 5.68 32.07 -4.99
C ILE A 425 6.62 31.79 -6.14
N GLU A 426 7.42 30.73 -6.01
CA GLU A 426 8.36 30.36 -7.05
C GLU A 426 7.65 29.76 -8.28
N LEU A 427 8.02 30.25 -9.46
CA LEU A 427 7.44 29.78 -10.72
C LEU A 427 8.45 29.00 -11.57
N GLY A 428 8.07 27.80 -11.99
CA GLY A 428 8.98 27.01 -12.80
C GLY A 428 8.26 26.29 -13.92
N ILE A 429 9.00 25.52 -14.70
CA ILE A 429 8.44 24.75 -15.80
C ILE A 429 8.84 23.31 -15.60
N MET A 430 8.05 22.40 -16.13
CA MET A 430 8.41 21.00 -16.01
C MET A 430 9.07 20.69 -17.35
N VAL A 431 10.39 20.52 -17.32
CA VAL A 431 11.18 20.23 -18.51
C VAL A 431 10.86 18.88 -19.10
N GLU A 432 10.20 18.86 -20.25
CA GLU A 432 9.86 17.59 -20.89
C GLU A 432 9.98 17.68 -22.40
N ILE A 433 9.90 18.90 -22.92
CA ILE A 433 10.03 19.14 -24.36
C ILE A 433 11.51 19.47 -24.59
N PRO A 434 12.20 18.69 -25.44
CA PRO A 434 13.62 18.90 -25.74
C PRO A 434 14.08 20.34 -25.99
N SER A 435 13.28 21.13 -26.71
CA SER A 435 13.64 22.51 -27.01
C SER A 435 13.86 23.28 -25.71
N THR A 436 13.18 22.83 -24.68
CA THR A 436 13.26 23.46 -23.38
C THR A 436 14.63 23.21 -22.77
N ALA A 437 15.18 22.02 -23.02
CA ALA A 437 16.49 21.67 -22.50
C ALA A 437 17.57 22.33 -23.37
N ALA A 438 17.29 22.45 -24.66
CA ALA A 438 18.27 23.08 -25.53
C ALA A 438 18.46 24.54 -25.12
N LEU A 439 17.41 25.18 -24.60
CA LEU A 439 17.51 26.57 -24.18
C LEU A 439 17.56 26.75 -22.67
N ALA A 440 17.98 25.70 -21.95
CA ALA A 440 18.05 25.77 -20.49
C ALA A 440 18.58 27.08 -19.94
N ASP A 441 19.71 27.56 -20.46
CA ASP A 441 20.31 28.81 -19.97
C ASP A 441 19.39 30.03 -20.10
N ILE A 442 18.61 30.11 -21.17
CA ILE A 442 17.71 31.25 -21.33
C ILE A 442 16.57 31.15 -20.31
N PHE A 443 15.90 30.00 -20.25
CA PHE A 443 14.81 29.81 -19.29
C PHE A 443 15.30 30.00 -17.84
N ALA A 444 16.53 29.59 -17.57
CA ALA A 444 17.12 29.69 -16.24
C ALA A 444 17.18 31.12 -15.70
N LYS A 445 16.98 32.11 -16.55
CA LYS A 445 17.01 33.51 -16.14
C LYS A 445 15.63 34.02 -15.75
N GLU A 446 14.60 33.54 -16.43
CA GLU A 446 13.25 33.99 -16.17
C GLU A 446 12.48 33.08 -15.21
N VAL A 447 12.92 31.83 -15.12
CA VAL A 447 12.26 30.87 -14.25
C VAL A 447 12.93 30.77 -12.88
N ASP A 448 12.17 30.34 -11.87
CA ASP A 448 12.75 30.21 -10.54
C ASP A 448 13.33 28.82 -10.32
N PHE A 449 12.79 27.83 -11.03
CA PHE A 449 13.29 26.48 -10.88
C PHE A 449 12.88 25.62 -12.05
N PHE A 450 13.49 24.44 -12.14
CA PHE A 450 13.15 23.49 -13.20
C PHE A 450 12.81 22.22 -12.48
N SER A 451 11.93 21.44 -13.08
CA SER A 451 11.58 20.15 -12.54
C SER A 451 11.53 19.24 -13.76
N ILE A 452 12.48 18.33 -13.84
CA ILE A 452 12.54 17.44 -14.98
C ILE A 452 11.49 16.35 -14.92
N GLY A 453 10.59 16.36 -15.90
CA GLY A 453 9.57 15.33 -15.99
C GLY A 453 10.12 14.33 -16.98
N THR A 454 10.99 13.44 -16.52
CA THR A 454 11.59 12.46 -17.39
C THR A 454 10.63 11.50 -18.07
N ASN A 455 9.44 11.29 -17.51
CA ASN A 455 8.52 10.36 -18.17
C ASN A 455 8.27 10.83 -19.58
N ASP A 456 8.04 12.13 -19.77
CA ASP A 456 7.79 12.64 -21.10
C ASP A 456 9.06 13.09 -21.83
N LEU A 457 10.12 13.47 -21.09
CA LEU A 457 11.36 13.90 -21.75
C LEU A 457 11.98 12.71 -22.48
N ILE A 458 11.98 11.56 -21.83
CA ILE A 458 12.51 10.36 -22.47
C ILE A 458 11.69 10.13 -23.74
N GLN A 459 10.38 10.20 -23.60
CA GLN A 459 9.48 9.98 -24.73
C GLN A 459 9.75 10.89 -25.93
N TYR A 460 9.79 12.20 -25.71
CA TYR A 460 10.01 13.16 -26.80
C TYR A 460 11.45 13.17 -27.32
N THR A 461 12.42 12.92 -26.45
CA THR A 461 13.81 12.91 -26.86
C THR A 461 14.15 11.66 -27.66
N MET A 462 13.47 10.56 -27.37
CA MET A 462 13.74 9.30 -28.10
C MET A 462 12.67 9.11 -29.14
N ALA A 463 11.72 10.04 -29.16
CA ALA A 463 10.60 10.01 -30.09
C ALA A 463 9.88 8.65 -30.01
N ALA A 464 9.72 8.14 -28.79
CA ALA A 464 9.06 6.88 -28.55
C ALA A 464 7.95 7.00 -27.49
N ASP A 465 6.72 6.67 -27.90
CA ASP A 465 5.52 6.73 -27.06
C ASP A 465 5.70 5.99 -25.73
N ARG A 466 5.65 6.73 -24.63
CA ARG A 466 5.82 6.13 -23.31
C ARG A 466 4.82 4.99 -23.05
N MET A 467 3.71 4.98 -23.78
CA MET A 467 2.71 3.93 -23.60
C MET A 467 2.73 2.85 -24.68
N SER A 468 3.62 2.96 -25.66
CA SER A 468 3.66 1.96 -26.72
C SER A 468 4.61 0.79 -26.51
N GLU A 469 4.08 -0.42 -26.68
CA GLU A 469 4.83 -1.64 -26.50
C GLU A 469 5.86 -1.89 -27.60
N ARG A 470 5.43 -1.79 -28.85
CA ARG A 470 6.32 -2.03 -29.99
C ARG A 470 7.61 -1.20 -30.01
N VAL A 471 7.67 -0.11 -29.25
CA VAL A 471 8.86 0.70 -29.23
C VAL A 471 9.36 0.99 -27.82
N SER A 472 8.88 0.21 -26.84
CA SER A 472 9.33 0.44 -25.47
C SER A 472 10.83 0.25 -25.32
N TYR A 473 11.44 -0.49 -26.24
CA TYR A 473 12.89 -0.73 -26.18
C TYR A 473 13.71 0.55 -26.37
N LEU A 474 13.06 1.59 -26.86
CA LEU A 474 13.72 2.88 -27.08
C LEU A 474 13.47 3.83 -25.91
N TYR A 475 12.58 3.43 -25.00
CA TYR A 475 12.30 4.24 -23.83
C TYR A 475 13.48 3.95 -22.92
N GLN A 476 14.57 4.69 -23.09
CA GLN A 476 15.78 4.44 -22.32
C GLN A 476 16.19 5.51 -21.33
N PRO A 477 15.76 5.40 -20.08
CA PRO A 477 16.12 6.40 -19.06
C PRO A 477 17.61 6.53 -18.81
N TYR A 478 18.38 5.48 -19.08
CA TYR A 478 19.82 5.56 -18.82
C TYR A 478 20.65 5.92 -20.04
N ASN A 479 19.98 6.15 -21.17
CA ASN A 479 20.70 6.51 -22.40
C ASN A 479 21.50 7.78 -22.21
N PRO A 480 22.73 7.82 -22.72
CA PRO A 480 23.57 9.02 -22.57
C PRO A 480 22.85 10.29 -22.99
N ALA A 481 21.97 10.19 -24.00
CA ALA A 481 21.25 11.38 -24.48
C ALA A 481 20.40 12.00 -23.39
N ILE A 482 19.71 11.15 -22.63
CA ILE A 482 18.87 11.60 -21.54
C ILE A 482 19.71 12.25 -20.44
N LEU A 483 20.79 11.58 -20.04
CA LEU A 483 21.67 12.10 -18.99
C LEU A 483 22.22 13.48 -19.35
N ARG A 484 22.59 13.65 -20.62
CA ARG A 484 23.14 14.92 -21.08
C ARG A 484 22.14 16.06 -21.00
N LEU A 485 20.89 15.82 -21.43
CA LEU A 485 19.88 16.87 -21.36
C LEU A 485 19.57 17.19 -19.91
N VAL A 486 19.57 16.17 -19.04
CA VAL A 486 19.31 16.40 -17.63
C VAL A 486 20.44 17.28 -17.07
N LYS A 487 21.67 16.97 -17.43
CA LYS A 487 22.81 17.72 -16.95
C LYS A 487 22.83 19.18 -17.41
N GLN A 488 22.45 19.47 -18.65
CA GLN A 488 22.53 20.85 -19.05
C GLN A 488 21.44 21.71 -18.40
N VAL A 489 20.35 21.08 -17.98
CA VAL A 489 19.28 21.81 -17.32
C VAL A 489 19.73 22.13 -15.88
N ILE A 490 20.26 21.12 -15.20
CA ILE A 490 20.72 21.33 -13.84
C ILE A 490 21.83 22.38 -13.79
N GLU A 491 22.85 22.22 -14.63
CA GLU A 491 23.95 23.17 -14.65
C GLU A 491 23.50 24.57 -15.01
N ALA A 492 22.49 24.68 -15.87
CA ALA A 492 21.99 25.99 -16.26
C ALA A 492 21.27 26.70 -15.11
N SER A 493 20.57 25.94 -14.27
CA SER A 493 19.85 26.54 -13.16
C SER A 493 20.79 26.94 -12.02
N HIS A 494 21.85 26.17 -11.79
CA HIS A 494 22.80 26.46 -10.72
C HIS A 494 23.60 27.72 -11.01
N ALA A 495 23.90 27.93 -12.29
CA ALA A 495 24.65 29.10 -12.72
C ALA A 495 23.85 30.37 -12.47
N GLU A 496 22.52 30.26 -12.44
CA GLU A 496 21.66 31.42 -12.19
C GLU A 496 21.23 31.43 -10.73
N GLY A 497 21.81 30.56 -9.93
CA GLY A 497 21.48 30.50 -8.52
C GLY A 497 20.18 29.79 -8.17
N LYS A 498 19.51 29.20 -9.17
CA LYS A 498 18.25 28.50 -8.98
C LYS A 498 18.48 27.03 -8.68
N TRP A 499 17.41 26.24 -8.62
CA TRP A 499 17.54 24.80 -8.37
C TRP A 499 16.78 23.94 -9.40
N THR A 500 17.07 22.65 -9.42
CA THR A 500 16.39 21.75 -10.33
C THR A 500 15.93 20.49 -9.60
N GLY A 501 14.69 20.10 -9.84
CA GLY A 501 14.16 18.89 -9.23
C GLY A 501 13.79 17.88 -10.32
N MET A 502 13.28 16.72 -9.92
CA MET A 502 12.87 15.70 -10.88
C MET A 502 11.72 14.92 -10.29
N CYS A 503 10.63 14.80 -11.04
CA CYS A 503 9.47 14.07 -10.57
C CYS A 503 9.13 12.85 -11.43
N GLY A 504 9.94 12.58 -12.45
CA GLY A 504 9.69 11.43 -13.29
C GLY A 504 10.09 10.19 -12.51
N GLU A 505 9.58 9.02 -12.88
CA GLU A 505 9.89 7.79 -12.18
C GLU A 505 11.39 7.59 -11.99
N MET A 506 12.18 8.15 -12.89
CA MET A 506 13.62 8.02 -12.82
C MET A 506 14.18 8.45 -11.46
N ALA A 507 13.66 9.55 -10.93
CA ALA A 507 14.13 10.07 -9.66
C ALA A 507 14.01 9.11 -8.49
N GLY A 508 13.20 8.08 -8.63
CA GLY A 508 13.04 7.11 -7.56
C GLY A 508 13.65 5.79 -7.95
N ASP A 509 14.35 5.79 -9.08
CA ASP A 509 14.97 4.58 -9.63
C ASP A 509 16.34 4.35 -9.02
N GLN A 510 16.54 3.17 -8.44
CA GLN A 510 17.81 2.84 -7.79
C GLN A 510 19.00 2.95 -8.75
N THR A 511 18.80 2.64 -10.03
CA THR A 511 19.88 2.73 -11.01
C THR A 511 20.17 4.16 -11.46
N ALA A 512 19.14 5.00 -11.43
CA ALA A 512 19.27 6.38 -11.86
C ALA A 512 19.77 7.29 -10.76
N ILE A 513 19.35 7.01 -9.54
CA ILE A 513 19.74 7.83 -8.40
C ILE A 513 21.24 8.12 -8.29
N PRO A 514 22.09 7.09 -8.42
CA PRO A 514 23.54 7.32 -8.34
C PRO A 514 24.00 8.35 -9.36
N LEU A 515 23.46 8.25 -10.57
CA LEU A 515 23.80 9.17 -11.65
C LEU A 515 23.27 10.58 -11.39
N LEU A 516 22.01 10.67 -10.98
CA LEU A 516 21.43 11.98 -10.71
C LEU A 516 22.22 12.69 -9.61
N LEU A 517 22.65 11.93 -8.61
CA LEU A 517 23.44 12.51 -7.51
C LEU A 517 24.71 13.13 -8.08
N GLY A 518 25.41 12.35 -8.90
CA GLY A 518 26.63 12.84 -9.51
C GLY A 518 26.38 14.06 -10.38
N LEU A 519 25.26 14.06 -11.09
CA LEU A 519 24.92 15.18 -11.97
C LEU A 519 24.55 16.43 -11.20
N GLY A 520 24.30 16.30 -9.89
CA GLY A 520 23.98 17.46 -9.07
C GLY A 520 22.53 17.87 -8.92
N LEU A 521 21.61 16.91 -9.05
CA LEU A 521 20.19 17.20 -8.91
C LEU A 521 19.90 17.60 -7.45
N ASP A 522 19.18 18.71 -7.25
CA ASP A 522 18.86 19.21 -5.91
C ASP A 522 17.75 18.44 -5.19
N GLU A 523 16.64 18.21 -5.88
CA GLU A 523 15.52 17.52 -5.25
C GLU A 523 14.96 16.39 -6.08
N PHE A 524 14.80 15.23 -5.45
CA PHE A 524 14.25 14.05 -6.11
C PHE A 524 12.83 13.96 -5.59
N SER A 525 11.86 13.69 -6.46
CA SER A 525 10.47 13.58 -6.06
C SER A 525 9.94 12.26 -6.59
N MET A 526 9.27 11.49 -5.74
CA MET A 526 8.82 10.16 -6.16
C MET A 526 7.63 9.67 -5.34
N SER A 527 7.10 8.52 -5.71
CA SER A 527 5.99 7.93 -4.96
C SER A 527 6.51 7.72 -3.53
N ALA A 528 5.66 7.99 -2.54
CA ALA A 528 6.04 7.85 -1.15
C ALA A 528 6.70 6.51 -0.80
N THR A 529 6.21 5.43 -1.39
CA THR A 529 6.78 4.12 -1.10
C THR A 529 8.16 3.87 -1.69
N SER A 530 8.90 4.94 -2.01
CA SER A 530 10.23 4.79 -2.58
C SER A 530 11.28 5.64 -1.88
N ILE A 531 10.83 6.64 -1.13
CA ILE A 531 11.75 7.54 -0.46
C ILE A 531 12.72 6.86 0.49
N LEU A 532 12.23 5.91 1.28
CA LEU A 532 13.07 5.20 2.24
C LEU A 532 14.23 4.45 1.57
N LYS A 533 13.90 3.54 0.67
CA LYS A 533 14.94 2.79 -0.02
C LYS A 533 15.88 3.72 -0.77
N ALA A 534 15.35 4.84 -1.23
CA ALA A 534 16.16 5.81 -1.95
C ALA A 534 17.07 6.53 -0.96
N ARG A 535 16.54 6.84 0.21
CA ARG A 535 17.34 7.55 1.21
C ARG A 535 18.49 6.67 1.68
N ARG A 536 18.22 5.37 1.72
CA ARG A 536 19.23 4.41 2.14
C ARG A 536 20.38 4.49 1.14
N LEU A 537 20.07 4.32 -0.14
CA LEU A 537 21.07 4.36 -1.20
C LEU A 537 21.91 5.63 -1.17
N ILE A 538 21.24 6.78 -1.07
CA ILE A 538 21.93 8.07 -1.05
C ILE A 538 22.94 8.19 0.11
N ARG A 539 22.62 7.62 1.26
CA ARG A 539 23.50 7.67 2.42
C ARG A 539 24.77 6.84 2.24
N SER A 540 24.63 5.65 1.68
CA SER A 540 25.77 4.77 1.45
C SER A 540 26.46 5.11 0.13
N LEU A 541 26.61 6.40 -0.16
CA LEU A 541 27.27 6.81 -1.39
C LEU A 541 28.15 8.02 -1.21
N ASN A 542 29.18 8.12 -2.05
CA ASN A 542 30.10 9.24 -1.99
C ASN A 542 29.80 10.13 -3.20
N GLU A 543 29.42 11.38 -2.93
CA GLU A 543 29.10 12.31 -4.00
C GLU A 543 30.31 12.49 -4.91
N SER A 544 31.48 12.70 -4.31
CA SER A 544 32.71 12.88 -5.08
C SER A 544 32.91 11.69 -6.03
N GLU A 545 32.46 10.51 -5.61
CA GLU A 545 32.58 9.32 -6.44
C GLU A 545 31.47 9.26 -7.48
N MET A 546 30.28 9.71 -7.09
CA MET A 546 29.14 9.71 -7.99
C MET A 546 29.34 10.75 -9.10
N LYS A 547 29.95 11.88 -8.75
CA LYS A 547 30.21 12.94 -9.71
C LYS A 547 31.08 12.37 -10.82
N GLU A 548 32.04 11.54 -10.44
CA GLU A 548 32.93 10.93 -11.42
C GLU A 548 32.19 9.93 -12.30
N LEU A 549 31.24 9.21 -11.72
CA LEU A 549 30.45 8.24 -12.47
C LEU A 549 29.66 8.93 -13.57
N SER A 550 29.10 10.10 -13.23
CA SER A 550 28.29 10.88 -14.16
C SER A 550 29.08 11.52 -15.29
N GLU A 551 30.31 11.91 -15.02
CA GLU A 551 31.12 12.54 -16.05
C GLU A 551 31.41 11.51 -17.13
N ARG A 552 31.65 10.27 -16.72
CA ARG A 552 31.93 9.20 -17.66
C ARG A 552 30.65 8.74 -18.34
N ALA A 553 29.57 8.69 -17.56
CA ALA A 553 28.28 8.27 -18.07
C ALA A 553 27.86 9.10 -19.29
N VAL A 554 28.02 10.42 -19.21
CA VAL A 554 27.62 11.27 -20.33
C VAL A 554 28.59 11.18 -21.50
N GLN A 555 29.55 10.27 -21.41
CA GLN A 555 30.52 10.09 -22.47
C GLN A 555 30.33 8.71 -23.11
N CYS A 556 29.38 7.95 -22.61
CA CYS A 556 29.10 6.63 -23.16
C CYS A 556 28.32 6.80 -24.47
N ALA A 557 28.02 5.68 -25.12
CA ALA A 557 27.28 5.69 -26.36
C ALA A 557 25.96 4.98 -26.23
N THR A 558 25.91 3.98 -25.37
CA THR A 558 24.70 3.18 -25.20
C THR A 558 24.19 3.14 -23.77
N SER A 559 22.95 2.73 -23.62
CA SER A 559 22.34 2.60 -22.30
C SER A 559 23.08 1.49 -21.54
N GLU A 560 23.34 0.39 -22.22
CA GLU A 560 24.02 -0.74 -21.60
C GLU A 560 25.37 -0.31 -21.00
N GLU A 561 26.10 0.55 -21.69
CA GLU A 561 27.38 1.01 -21.17
C GLU A 561 27.17 1.86 -19.91
N VAL A 562 26.05 2.59 -19.88
CA VAL A 562 25.77 3.41 -18.71
C VAL A 562 25.44 2.50 -17.54
N VAL A 563 24.63 1.48 -17.79
CA VAL A 563 24.26 0.56 -16.73
C VAL A 563 25.54 -0.07 -16.16
N ASP A 564 26.35 -0.66 -17.04
CA ASP A 564 27.58 -1.29 -16.60
C ASP A 564 28.41 -0.37 -15.70
N LEU A 565 28.43 0.92 -15.99
CA LEU A 565 29.18 1.87 -15.16
C LEU A 565 28.57 2.06 -13.79
N VAL A 566 27.25 1.93 -13.69
CA VAL A 566 26.58 2.10 -12.42
C VAL A 566 26.75 0.89 -11.52
N GLU A 567 26.69 -0.30 -12.08
CA GLU A 567 26.86 -1.51 -11.29
C GLU A 567 28.30 -1.55 -10.78
N GLU A 568 29.18 -0.86 -11.49
CA GLU A 568 30.59 -0.81 -11.14
C GLU A 568 30.84 0.11 -9.93
N TYR A 569 30.37 1.34 -9.99
CA TYR A 569 30.56 2.29 -8.90
C TYR A 569 29.66 2.02 -7.70
N THR A 570 28.78 1.04 -7.81
CA THR A 570 27.87 0.71 -6.72
C THR A 570 27.99 -0.76 -6.35
N LYS A 571 29.22 -1.27 -6.34
CA LYS A 571 29.46 -2.66 -6.00
C LYS A 571 29.26 -2.86 -4.49
S SO4 B . 3.22 12.07 -15.11
O1 SO4 B . 3.70 10.83 -15.73
O2 SO4 B . 1.87 11.85 -14.56
O3 SO4 B . 4.14 12.49 -14.06
O4 SO4 B . 3.16 13.12 -16.15
#